data_4ZBN
#
_entry.id   4ZBN
#
_cell.length_a   109.201
_cell.length_b   60.708
_cell.length_c   68.589
_cell.angle_alpha   90.00
_cell.angle_beta   95.57
_cell.angle_gamma   90.00
#
_symmetry.space_group_name_H-M   'C 1 2 1'
#
loop_
_entity.id
_entity.type
_entity.pdbx_description
1 polymer 'DNA (28-MER)'
2 polymer 'Beta-nerve growth factor'
3 non-polymer '4-(2-HYDROXYETHYL)-1-PIPERAZINE ETHANESULFONIC ACID'
4 water water
#
loop_
_entity_poly.entity_id
_entity_poly.type
_entity_poly.pdbx_seq_one_letter_code
_entity_poly.pdbx_strand_id
1 'polydeoxyribonucleotide'
;(DC)(DA)(DUZ)(DG)(DA)(DG)(DG)(DA)(DC)(DUZ)(DUZ)(DG)(DG)(DG)(DG)(DUZ)(DUZ)(DUZ)
(DA)(DG)(DC)(DC)(DG)(DUZ)(DUZ)(DG)(DUZ)(DG)
;
D,E
2 'polypeptide(L)'
;SSSHPIFHRGEFSVCDSVSVWVGDKTTATDIKGKEVMVLGEVNINNSVFKQYFFETKCRDPNPVDSGCRGIDSKHWNSYC
TTTHTFVKALTMDGKQAAWRFIRIDTACVCVLSRKAVRRA
;
A,B
#
loop_
_chem_comp.id
_chem_comp.type
_chem_comp.name
_chem_comp.formula
DA DNA linking 2'-DEOXYADENOSINE-5'-MONOPHOSPHATE 'C10 H14 N5 O6 P'
DC DNA linking 2'-DEOXYCYTIDINE-5'-MONOPHOSPHATE 'C9 H14 N3 O7 P'
DG DNA linking 2'-DEOXYGUANOSINE-5'-MONOPHOSPHATE 'C10 H14 N5 O7 P'
DUZ DNA linking '5-(benzylcarbamoyl)-2'-deoxyuridine 5'-(dihydrogen phosphate)' 'C17 H20 N3 O9 P'
EPE non-polymer '4-(2-HYDROXYETHYL)-1-PIPERAZINE ETHANESULFONIC ACID' 'C8 H18 N2 O4 S'
#
# COMPACT_ATOMS: atom_id res chain seq x y z
P DUZ A 3 10.47 -22.45 -20.69
N1 DUZ A 3 9.66 -23.63 -15.05
C2 DUZ A 3 9.47 -23.67 -13.74
O2 DUZ A 3 8.95 -24.68 -13.25
N3 DUZ A 3 9.84 -22.64 -12.95
C4 DUZ A 3 10.42 -21.55 -13.47
O4 DUZ A 3 10.74 -20.62 -12.69
C5 DUZ A 3 10.63 -21.46 -14.86
C6 DUZ A 3 10.23 -22.54 -15.64
C1' DUZ A 3 9.21 -24.79 -15.81
C2' DUZ A 3 7.73 -24.65 -16.11
C21 DUZ A 3 11.28 -20.26 -15.50
O22 DUZ A 3 11.52 -20.18 -16.71
N23 DUZ A 3 11.67 -19.21 -14.78
C24 DUZ A 3 12.29 -18.09 -15.49
C25 DUZ A 3 12.83 -17.18 -14.46
C26 DUZ A 3 12.95 -17.65 -13.17
C27 DUZ A 3 13.46 -16.75 -12.23
C28 DUZ A 3 13.78 -15.39 -12.57
C29 DUZ A 3 13.64 -14.95 -13.88
C3' DUZ A 3 7.69 -24.36 -17.59
O3' DUZ A 3 6.51 -24.86 -18.22
C30 DUZ A 3 13.15 -15.87 -14.81
C4' DUZ A 3 8.94 -25.03 -18.11
O4' DUZ A 3 9.90 -24.86 -17.07
C5' DUZ A 3 9.41 -24.47 -19.46
O5' DUZ A 3 9.84 -23.10 -19.35
OP1 DUZ A 3 9.58 -22.97 -21.78
OP2 DUZ A 3 10.61 -20.95 -20.65
P DUZ A 10 -22.46 -17.81 -10.57
N1 DUZ A 10 -18.58 -14.65 -5.89
C2 DUZ A 10 -17.62 -13.83 -5.43
O2 DUZ A 10 -16.97 -13.12 -6.22
N3 DUZ A 10 -17.30 -13.75 -4.14
C4 DUZ A 10 -17.97 -14.47 -3.25
O4 DUZ A 10 -17.65 -14.35 -2.06
C5 DUZ A 10 -18.97 -15.31 -3.68
C6 DUZ A 10 -19.28 -15.40 -5.02
C1' DUZ A 10 -18.82 -14.66 -7.35
C2' DUZ A 10 -17.94 -15.68 -8.08
C21 DUZ A 10 -19.73 -16.17 -2.71
O22 DUZ A 10 -20.52 -16.95 -3.18
N23 DUZ A 10 -19.53 -16.10 -1.40
C24 DUZ A 10 -20.19 -16.86 -0.35
C25 DUZ A 10 -19.51 -18.19 -0.17
C26 DUZ A 10 -18.57 -18.67 -1.10
C27 DUZ A 10 -17.93 -19.90 -0.94
C28 DUZ A 10 -18.25 -20.67 0.18
C29 DUZ A 10 -19.20 -20.19 1.11
C3' DUZ A 10 -18.75 -16.04 -9.30
O3' DUZ A 10 -18.56 -14.79 -10.34
C30 DUZ A 10 -19.84 -18.96 0.93
C4' DUZ A 10 -20.19 -15.70 -8.94
O4' DUZ A 10 -20.16 -14.95 -7.74
C5' DUZ A 10 -20.99 -16.95 -8.59
O5' DUZ A 10 -21.09 -17.77 -9.77
OP1 DUZ A 10 -23.33 -16.61 -10.27
OP2 DUZ A 10 -22.12 -17.95 -12.01
P DUZ A 11 -17.83 -14.61 -11.68
N1 DUZ A 11 -13.22 -16.44 -8.14
C2 DUZ A 11 -12.43 -16.52 -7.07
O2 DUZ A 11 -11.59 -15.63 -6.84
N3 DUZ A 11 -12.50 -17.57 -6.25
C4 DUZ A 11 -13.37 -18.55 -6.47
O4 DUZ A 11 -13.36 -19.49 -5.66
C5 DUZ A 11 -14.20 -18.51 -7.58
C6 DUZ A 11 -14.11 -17.40 -8.40
C1' DUZ A 11 -13.10 -15.31 -9.01
C2' DUZ A 11 -12.67 -15.81 -10.39
C21 DUZ A 11 -15.29 -19.53 -7.89
O22 DUZ A 11 -16.05 -19.34 -8.85
N23 DUZ A 11 -15.49 -20.58 -7.09
C24 DUZ A 11 -16.57 -21.54 -7.24
C25 DUZ A 11 -17.62 -20.95 -6.29
C26 DUZ A 11 -17.61 -21.32 -4.92
C27 DUZ A 11 -18.55 -20.76 -4.06
C28 DUZ A 11 -19.47 -19.82 -4.55
C29 DUZ A 11 -19.49 -19.42 -5.88
C3' DUZ A 11 -13.44 -14.92 -11.33
O3' DUZ A 11 -12.50 -14.12 -12.02
C30 DUZ A 11 -18.55 -19.99 -6.75
C4' DUZ A 11 -14.22 -13.97 -10.42
O4' DUZ A 11 -14.37 -14.68 -9.19
C5' DUZ A 11 -15.57 -13.53 -10.96
O5' DUZ A 11 -16.32 -14.71 -11.19
OP1 DUZ A 11 -18.04 -13.24 -12.24
OP2 DUZ A 11 -18.08 -15.66 -12.71
P DUZ A 16 10.16 -10.47 -17.23
N1 DUZ A 16 10.98 -13.37 -12.19
C2 DUZ A 16 11.20 -14.05 -11.06
O2 DUZ A 16 11.73 -13.50 -10.05
N3 DUZ A 16 10.89 -15.33 -10.97
C4 DUZ A 16 10.29 -15.99 -11.98
O4 DUZ A 16 9.97 -17.22 -11.77
C5 DUZ A 16 10.05 -15.31 -13.17
C6 DUZ A 16 10.41 -13.98 -13.24
C1' DUZ A 16 11.35 -11.95 -12.25
C2' DUZ A 16 12.50 -11.64 -13.20
C21 DUZ A 16 9.40 -15.95 -14.35
O22 DUZ A 16 9.24 -15.32 -15.38
N23 DUZ A 16 8.95 -17.21 -14.27
C24 DUZ A 16 8.29 -17.90 -15.39
C25 DUZ A 16 7.65 -19.18 -14.90
C26 DUZ A 16 7.69 -19.53 -13.54
C27 DUZ A 16 7.10 -20.71 -13.12
C28 DUZ A 16 6.48 -21.53 -14.06
C29 DUZ A 16 6.44 -21.19 -15.40
C3' DUZ A 16 12.21 -10.20 -13.57
O3' DUZ A 16 12.74 -9.37 -12.52
C30 DUZ A 16 7.03 -20.01 -15.84
C4' DUZ A 16 10.71 -10.02 -13.41
O4' DUZ A 16 10.23 -11.21 -12.77
C5' DUZ A 16 10.02 -9.72 -14.73
O5' DUZ A 16 10.22 -10.76 -15.64
OP1 DUZ A 16 10.79 -9.16 -17.45
OP2 DUZ A 16 10.83 -11.59 -17.92
P DUZ A 17 14.23 -8.77 -12.49
N1 DUZ A 17 12.45 -11.09 -8.24
C2 DUZ A 17 11.54 -11.97 -7.72
O2 DUZ A 17 11.88 -12.95 -7.04
N3 DUZ A 17 10.22 -11.81 -7.88
C4 DUZ A 17 9.77 -10.78 -8.62
O4 DUZ A 17 8.55 -10.63 -8.80
C5 DUZ A 17 10.67 -9.87 -9.18
C6 DUZ A 17 12.03 -10.05 -8.98
C1' DUZ A 17 13.91 -11.25 -8.10
C2' DUZ A 17 14.35 -12.11 -9.26
C21 DUZ A 17 10.21 -8.69 -9.99
O22 DUZ A 17 11.06 -7.88 -10.31
N23 DUZ A 17 8.93 -8.52 -10.36
C24 DUZ A 17 8.53 -7.40 -11.17
C25 DUZ A 17 7.68 -7.88 -12.32
C26 DUZ A 17 7.22 -9.19 -12.38
C27 DUZ A 17 6.42 -9.60 -13.44
C28 DUZ A 17 6.06 -8.70 -14.47
C29 DUZ A 17 6.55 -7.38 -14.41
C3' DUZ A 17 15.73 -11.67 -9.56
O3' DUZ A 17 16.61 -12.40 -8.70
C30 DUZ A 17 7.36 -6.99 -13.34
C4' DUZ A 17 15.78 -10.23 -9.15
O4' DUZ A 17 14.60 -10.03 -8.38
C5' DUZ A 17 15.78 -9.30 -10.37
O5' DUZ A 17 14.53 -9.46 -11.06
OP1 DUZ A 17 14.56 -7.36 -12.23
OP2 DUZ A 17 15.02 -9.39 -13.55
P DUZ A 18 17.62 -13.46 -9.06
N1 DUZ A 18 16.39 -18.26 -11.84
C2 DUZ A 18 15.76 -19.32 -12.36
O2 DUZ A 18 15.39 -20.22 -11.59
N3 DUZ A 18 15.51 -19.42 -13.71
C4 DUZ A 18 15.90 -18.42 -14.55
O4 DUZ A 18 15.68 -18.51 -15.77
C5 DUZ A 18 16.53 -17.28 -14.02
C6 DUZ A 18 16.78 -17.24 -12.63
C1' DUZ A 18 16.61 -18.29 -10.39
C2' DUZ A 18 18.04 -17.97 -9.99
C21 DUZ A 18 16.95 -16.14 -14.89
O22 DUZ A 18 17.49 -15.20 -14.34
N23 DUZ A 18 16.70 -16.09 -16.20
C24 DUZ A 18 17.08 -14.99 -17.09
C25 DUZ A 18 16.05 -13.92 -16.97
C26 DUZ A 18 14.81 -14.05 -17.62
C27 DUZ A 18 13.83 -13.02 -17.47
C28 DUZ A 18 14.10 -11.87 -16.72
C29 DUZ A 18 15.34 -11.73 -16.06
C3' DUZ A 18 17.90 -17.44 -8.59
O3' DUZ A 18 18.16 -18.53 -7.66
C30 DUZ A 18 16.30 -12.75 -16.20
C4' DUZ A 18 16.43 -17.02 -8.49
O4' DUZ A 18 15.79 -17.34 -9.73
C5' DUZ A 18 16.28 -15.51 -8.19
O5' DUZ A 18 16.69 -14.72 -9.30
OP1 DUZ A 18 18.60 -13.72 -8.00
OP2 DUZ A 18 18.26 -12.98 -10.35
P DUZ A 24 -0.03 -17.00 -5.79
N1 DUZ A 24 -4.50 -14.08 -4.25
C2 DUZ A 24 -5.17 -12.94 -4.06
O2 DUZ A 24 -5.65 -12.74 -2.90
N3 DUZ A 24 -5.34 -12.02 -5.08
C4 DUZ A 24 -4.81 -12.27 -6.30
O4 DUZ A 24 -4.95 -11.46 -7.24
C5 DUZ A 24 -4.13 -13.47 -6.47
C6 DUZ A 24 -3.99 -14.34 -5.44
C1' DUZ A 24 -4.29 -15.00 -3.12
C2' DUZ A 24 -4.80 -16.46 -3.23
C21 DUZ A 24 -3.59 -13.89 -7.78
O22 DUZ A 24 -2.98 -14.94 -7.89
N23 DUZ A 24 -3.90 -13.19 -8.84
C24 DUZ A 24 -3.43 -13.57 -10.15
C25 DUZ A 24 -3.90 -12.59 -11.18
C26 DUZ A 24 -3.49 -11.25 -11.10
C27 DUZ A 24 -3.92 -10.34 -12.05
C28 DUZ A 24 -4.77 -10.77 -13.07
C29 DUZ A 24 -5.18 -12.10 -13.16
C3' DUZ A 24 -3.48 -17.22 -3.39
O3' DUZ A 24 -3.49 -18.52 -2.78
C30 DUZ A 24 -4.75 -13.01 -12.20
C4' DUZ A 24 -2.39 -16.34 -2.76
O4' DUZ A 24 -2.85 -15.00 -3.01
C5' DUZ A 24 -1.05 -16.55 -3.40
O5' DUZ A 24 -1.27 -16.92 -4.75
OP1 DUZ A 24 1.10 -17.62 -5.09
OP2 DUZ A 24 -0.49 -17.75 -7.01
P DUZ A 25 -4.19 -19.66 -3.73
N1 DUZ A 25 -9.02 -20.23 -5.24
C2 DUZ A 25 -9.88 -20.65 -6.18
O2 DUZ A 25 -10.41 -21.75 -6.03
N3 DUZ A 25 -10.18 -19.90 -7.26
C4 DUZ A 25 -9.62 -18.67 -7.43
O4 DUZ A 25 -9.95 -18.03 -8.47
C5 DUZ A 25 -8.69 -18.20 -6.48
C6 DUZ A 25 -8.42 -19.01 -5.37
C1' DUZ A 25 -8.77 -21.14 -4.11
C2' DUZ A 25 -7.55 -22.00 -4.38
C21 DUZ A 25 -8.00 -16.84 -6.60
O22 DUZ A 25 -7.38 -16.37 -5.64
N23 DUZ A 25 -8.06 -16.16 -7.76
C24 DUZ A 25 -7.43 -14.88 -7.98
C25 DUZ A 25 -8.24 -13.80 -8.64
C26 DUZ A 25 -9.58 -13.61 -8.36
C27 DUZ A 25 -10.29 -12.59 -8.96
C28 DUZ A 25 -9.66 -11.72 -9.83
C29 DUZ A 25 -8.32 -11.90 -10.08
C3' DUZ A 25 -6.86 -22.06 -3.03
O3' DUZ A 25 -7.35 -23.22 -2.38
C30 DUZ A 25 -7.59 -12.93 -9.49
C4' DUZ A 25 -7.35 -20.87 -2.21
O4' DUZ A 25 -8.44 -20.35 -2.96
C5' DUZ A 25 -6.29 -19.80 -2.06
O5' DUZ A 25 -5.76 -19.65 -3.36
OP1 DUZ A 25 -3.49 -20.79 -3.05
OP2 DUZ A 25 -4.13 -19.63 -5.21
P DUZ A 27 -13.08 -23.58 2.48
N1 DUZ A 27 -16.73 -19.32 3.20
C2 DUZ A 27 -17.67 -18.41 3.33
O2 DUZ A 27 -18.50 -18.63 4.26
N3 DUZ A 27 -17.75 -17.33 2.49
C4 DUZ A 27 -16.86 -17.15 1.49
O4 DUZ A 27 -16.91 -16.17 0.70
C5 DUZ A 27 -15.84 -18.10 1.36
C6 DUZ A 27 -15.79 -19.19 2.24
C1' DUZ A 27 -16.75 -20.40 4.21
C2' DUZ A 27 -16.92 -21.81 3.67
C21 DUZ A 27 -14.80 -17.95 0.28
O22 DUZ A 27 -14.10 -18.89 -0.02
N23 DUZ A 27 -14.64 -16.78 -0.32
C24 DUZ A 27 -13.65 -16.54 -1.38
C25 DUZ A 27 -14.32 -16.58 -2.74
C26 DUZ A 27 -14.22 -15.45 -3.58
C27 DUZ A 27 -14.80 -15.45 -4.86
C28 DUZ A 27 -15.53 -16.59 -5.26
C29 DUZ A 27 -15.65 -17.71 -4.41
C3' DUZ A 27 -16.16 -22.65 4.67
O3' DUZ A 27 -17.03 -23.17 5.70
C30 DUZ A 27 -15.05 -17.72 -3.14
C4' DUZ A 27 -15.08 -21.74 5.23
O4' DUZ A 27 -15.52 -20.39 4.95
C5' DUZ A 27 -13.73 -22.06 4.56
O5' DUZ A 27 -13.97 -22.43 3.20
OP1 DUZ A 27 -12.90 -24.75 3.38
OP2 DUZ A 27 -13.54 -24.00 1.10
P DUZ B 3 7.94 29.49 10.80
N1 DUZ B 3 3.16 26.32 8.97
C2 DUZ B 3 2.01 26.04 8.37
O2 DUZ B 3 1.00 26.40 8.98
N3 DUZ B 3 1.95 25.40 7.16
C4 DUZ B 3 3.13 25.03 6.57
O4 DUZ B 3 3.17 24.46 5.47
C5 DUZ B 3 4.34 25.32 7.19
C6 DUZ B 3 4.32 25.98 8.41
C1' DUZ B 3 3.18 27.00 10.28
C2' DUZ B 3 4.25 26.41 11.19
C21 DUZ B 3 5.67 24.99 6.61
O22 DUZ B 3 6.63 25.62 7.02
N23 DUZ B 3 5.79 24.09 5.66
C24 DUZ B 3 7.03 23.69 4.97
C25 DUZ B 3 6.71 23.21 3.56
C26 DUZ B 3 5.42 23.32 3.03
C27 DUZ B 3 5.15 22.89 1.74
C28 DUZ B 3 6.16 22.29 0.99
C29 DUZ B 3 7.44 22.15 1.53
C3' DUZ B 3 4.54 27.55 12.14
O3' DUZ B 3 3.66 27.42 13.27
C30 DUZ B 3 7.72 22.62 2.82
C4' DUZ B 3 4.15 28.81 11.39
O4' DUZ B 3 3.53 28.39 10.17
C5' DUZ B 3 5.39 29.60 11.11
O5' DUZ B 3 6.58 28.79 11.25
OP1 DUZ B 3 8.43 30.52 11.82
OP2 DUZ B 3 8.98 28.46 10.55
P DUZ B 10 -8.24 3.12 29.50
N1 DUZ B 10 -8.70 1.22 22.84
C2 DUZ B 10 -8.20 1.17 21.58
O2 DUZ B 10 -6.97 1.25 21.36
N3 DUZ B 10 -9.01 1.04 20.51
C4 DUZ B 10 -10.35 0.95 20.69
O4 DUZ B 10 -11.13 0.82 19.73
C5 DUZ B 10 -10.86 0.99 21.97
C6 DUZ B 10 -10.01 1.16 23.03
C1' DUZ B 10 -7.83 1.36 24.03
C2' DUZ B 10 -6.86 2.51 23.89
C21 DUZ B 10 -12.32 0.92 22.23
O22 DUZ B 10 -12.70 1.19 23.35
N23 DUZ B 10 -13.18 0.61 21.25
C24 DUZ B 10 -14.63 0.52 21.38
C25 DUZ B 10 -15.33 1.84 21.12
C26 DUZ B 10 -16.71 1.88 20.98
C27 DUZ B 10 -17.38 3.07 20.72
C28 DUZ B 10 -16.66 4.26 20.59
C29 DUZ B 10 -15.29 4.25 20.72
C3' DUZ B 10 -7.08 3.38 25.09
O3' DUZ B 10 -5.59 3.03 25.49
C30 DUZ B 10 -14.64 3.04 20.98
C4' DUZ B 10 -7.86 2.51 26.04
O4' DUZ B 10 -8.59 1.63 25.20
C5' DUZ B 10 -8.87 3.31 26.88
O5' DUZ B 10 -8.31 3.90 28.08
OP1 DUZ B 10 -8.81 1.70 29.41
OP2 DUZ B 10 -6.81 3.06 29.91
P DUZ B 11 -4.46 4.14 25.24
N1 DUZ B 11 -6.41 6.59 20.22
C2 DUZ B 11 -7.01 6.90 19.05
O2 DUZ B 11 -6.50 6.67 17.93
N3 DUZ B 11 -8.21 7.47 19.03
C4 DUZ B 11 -8.89 7.78 20.16
O4 DUZ B 11 -10.02 8.29 20.04
C5 DUZ B 11 -8.30 7.48 21.39
C6 DUZ B 11 -7.05 6.87 21.37
C1' DUZ B 11 -5.06 5.97 20.25
C2' DUZ B 11 -4.05 7.08 20.34
C21 DUZ B 11 -8.97 7.71 22.72
O22 DUZ B 11 -8.34 7.60 23.76
N23 DUZ B 11 -10.28 7.96 22.75
C24 DUZ B 11 -11.17 8.17 23.88
C25 DUZ B 11 -11.85 6.83 23.98
C26 DUZ B 11 -13.13 6.70 23.48
C27 DUZ B 11 -13.75 5.45 23.54
C28 DUZ B 11 -13.09 4.34 24.10
C29 DUZ B 11 -11.81 4.47 24.60
C3' DUZ B 11 -3.26 6.89 21.63
O3' DUZ B 11 -1.98 6.75 21.45
C30 DUZ B 11 -11.19 5.73 24.53
C4' DUZ B 11 -3.80 5.63 22.25
O4' DUZ B 11 -4.80 5.10 21.38
C5' DUZ B 11 -4.47 6.06 23.53
O5' DUZ B 11 -5.07 4.89 24.04
OP1 DUZ B 11 -3.04 3.63 24.89
OP2 DUZ B 11 -4.36 5.10 26.48
P DUZ B 16 11.72 17.49 5.28
N1 DUZ B 16 6.54 18.68 2.67
C2 DUZ B 16 5.35 19.03 2.12
O2 DUZ B 16 5.04 18.63 0.96
N3 DUZ B 16 4.46 19.83 2.80
C4 DUZ B 16 4.77 20.28 4.06
O4 DUZ B 16 3.96 21.02 4.71
C5 DUZ B 16 6.01 19.91 4.62
C6 DUZ B 16 6.87 19.11 3.90
C1' DUZ B 16 7.53 17.83 1.98
C2' DUZ B 16 8.83 18.56 1.72
C21 DUZ B 16 6.46 20.32 6.00
O22 DUZ B 16 7.61 19.98 6.38
N23 DUZ B 16 5.58 21.01 6.76
C24 DUZ B 16 5.78 21.52 8.11
C25 DUZ B 16 4.51 22.06 8.75
C26 DUZ B 16 3.27 22.02 8.09
C27 DUZ B 16 2.13 22.52 8.72
C28 DUZ B 16 2.21 23.08 9.99
C29 DUZ B 16 3.45 23.11 10.63
C3' DUZ B 16 9.78 17.40 1.57
O3' DUZ B 16 9.57 16.82 0.29
C30 DUZ B 16 4.60 22.60 10.02
C4' DUZ B 16 9.27 16.35 2.49
O4' DUZ B 16 7.97 16.81 2.86
C5' DUZ B 16 10.20 16.19 3.68
O5' DUZ B 16 10.54 17.47 4.23
OP1 DUZ B 16 12.85 16.79 4.63
OP2 DUZ B 16 12.16 18.86 5.69
P DUZ B 17 10.33 17.27 -1.12
N1 DUZ B 17 5.44 16.57 -1.40
C2 DUZ B 17 4.30 16.61 -0.69
O2 DUZ B 17 3.38 17.38 -1.05
N3 DUZ B 17 4.09 15.81 0.40
C4 DUZ B 17 5.08 14.95 0.77
O4 DUZ B 17 4.97 14.20 1.78
C5 DUZ B 17 6.27 14.93 0.06
C6 DUZ B 17 6.42 15.75 -1.02
C1' DUZ B 17 5.69 17.44 -2.56
C2' DUZ B 17 5.96 18.88 -2.08
C21 DUZ B 17 7.37 13.99 0.45
O22 DUZ B 17 8.33 13.91 -0.29
N23 DUZ B 17 7.24 13.25 1.56
C24 DUZ B 17 8.23 12.27 2.02
C25 DUZ B 17 8.58 12.54 3.46
C26 DUZ B 17 7.68 13.24 4.27
C27 DUZ B 17 8.03 13.51 5.59
C28 DUZ B 17 9.28 13.13 6.11
C29 DUZ B 17 10.16 12.47 5.27
C3' DUZ B 17 7.00 19.40 -3.03
O3' DUZ B 17 6.35 20.23 -3.99
C30 DUZ B 17 9.82 12.16 3.95
C4' DUZ B 17 7.64 18.21 -3.71
O4' DUZ B 17 6.92 17.07 -3.21
C5' DUZ B 17 9.08 18.04 -3.28
O5' DUZ B 17 9.04 17.86 -1.86
OP1 DUZ B 17 11.00 16.28 -2.00
OP2 DUZ B 17 11.30 18.38 -0.87
P DUZ B 18 6.27 21.73 -4.16
N1 DUZ B 18 5.10 25.62 -0.02
C2 DUZ B 18 4.70 26.10 1.19
O2 DUZ B 18 3.50 26.35 1.40
N3 DUZ B 18 5.54 26.32 2.21
C4 DUZ B 18 6.84 26.05 2.02
O4 DUZ B 18 7.60 26.28 2.97
C5 DUZ B 18 7.30 25.51 0.81
C6 DUZ B 18 6.40 25.30 -0.22
C1' DUZ B 18 4.12 25.37 -1.06
C2' DUZ B 18 4.56 25.74 -2.46
C21 DUZ B 18 8.73 25.17 0.55
O22 DUZ B 18 8.99 24.72 -0.56
N23 DUZ B 18 9.65 25.33 1.50
C24 DUZ B 18 11.08 25.01 1.40
C25 DUZ B 18 11.27 23.65 2.07
C26 DUZ B 18 11.32 22.48 1.29
C27 DUZ B 18 11.50 21.23 1.91
C28 DUZ B 18 11.60 21.15 3.29
C29 DUZ B 18 11.54 22.32 4.07
C3' DUZ B 18 3.90 24.70 -3.30
O3' DUZ B 18 2.68 25.17 -3.92
C30 DUZ B 18 11.37 23.57 3.47
C4' DUZ B 18 3.49 23.57 -2.35
O4' DUZ B 18 3.93 23.94 -1.05
C5' DUZ B 18 4.14 22.24 -2.72
O5' DUZ B 18 5.56 22.42 -2.89
OP1 DUZ B 18 5.50 22.10 -5.36
OP2 DUZ B 18 7.72 22.13 -4.20
P DUZ B 24 -3.86 13.51 8.95
N1 DUZ B 24 -5.11 8.45 10.55
C2 DUZ B 24 -4.87 7.18 10.70
O2 DUZ B 24 -5.76 6.38 10.42
N3 DUZ B 24 -3.69 6.70 11.16
C4 DUZ B 24 -2.69 7.55 11.48
O4 DUZ B 24 -1.59 7.07 11.86
C5 DUZ B 24 -2.90 8.90 11.32
C6 DUZ B 24 -4.14 9.31 10.85
C1' DUZ B 24 -6.40 8.85 10.01
C2' DUZ B 24 -7.19 9.80 10.89
C21 DUZ B 24 -1.87 9.91 11.75
O22 DUZ B 24 -2.21 11.08 11.84
N23 DUZ B 24 -0.69 9.50 12.17
C24 DUZ B 24 0.35 10.35 12.66
C25 DUZ B 24 1.41 9.56 13.42
C26 DUZ B 24 2.43 8.90 12.75
C27 DUZ B 24 3.41 8.19 13.44
C28 DUZ B 24 3.40 8.14 14.81
C29 DUZ B 24 2.37 8.80 15.48
C3' DUZ B 24 -7.05 11.18 10.27
O3' DUZ B 24 -8.32 11.85 10.35
C30 DUZ B 24 1.38 9.52 14.81
C4' DUZ B 24 -6.72 10.91 8.83
O4' DUZ B 24 -6.02 9.67 8.89
C5' DUZ B 24 -5.79 11.92 8.28
O5' DUZ B 24 -4.92 12.35 9.30
OP1 DUZ B 24 -4.31 14.29 7.77
OP2 DUZ B 24 -3.52 14.40 10.10
P DUZ B 25 -8.50 12.56 11.75
N1 DUZ B 25 -9.24 10.90 16.64
C2 DUZ B 25 -9.05 11.01 17.97
O2 DUZ B 25 -9.94 11.45 18.74
N3 DUZ B 25 -7.87 10.68 18.53
C4 DUZ B 25 -6.88 10.16 17.77
O4 DUZ B 25 -5.81 9.83 18.33
C5 DUZ B 25 -7.09 10.04 16.39
C6 DUZ B 25 -8.29 10.41 15.84
C1' DUZ B 25 -10.47 11.28 16.01
C2' DUZ B 25 -10.33 12.69 15.51
C21 DUZ B 25 -6.09 9.48 15.43
O22 DUZ B 25 -6.51 9.34 14.26
N23 DUZ B 25 -4.87 9.11 15.86
C24 DUZ B 25 -3.81 8.55 15.04
C25 DUZ B 25 -2.93 7.56 15.79
C26 DUZ B 25 -3.42 6.72 16.81
C27 DUZ B 25 -2.56 5.82 17.44
C28 DUZ B 25 -1.21 5.73 17.11
C29 DUZ B 25 -0.75 6.58 16.10
C3' DUZ B 25 -11.18 12.67 14.27
O3' DUZ B 25 -12.47 12.94 14.74
C30 DUZ B 25 -1.60 7.46 15.45
C4' DUZ B 25 -11.24 11.24 13.78
O4' DUZ B 25 -10.71 10.44 14.85
C5' DUZ B 25 -10.39 10.95 12.56
O5' DUZ B 25 -9.14 11.55 12.82
OP1 DUZ B 25 -9.64 13.42 11.31
OP2 DUZ B 25 -7.36 13.32 12.30
P DUZ B 27 -18.54 8.63 16.23
N1 DUZ B 27 -17.86 3.05 17.19
C2 DUZ B 27 -17.74 1.77 17.56
O2 DUZ B 27 -18.79 1.10 17.67
N3 DUZ B 27 -16.56 1.24 17.83
C4 DUZ B 27 -15.45 1.96 17.68
O4 DUZ B 27 -14.37 1.39 17.94
C5 DUZ B 27 -15.54 3.27 17.27
C6 DUZ B 27 -16.79 3.84 17.02
C1' DUZ B 27 -19.21 3.51 16.95
C2' DUZ B 27 -19.68 4.41 18.06
C21 DUZ B 27 -14.33 4.15 17.10
O22 DUZ B 27 -14.52 5.34 16.98
N23 DUZ B 27 -13.10 3.67 17.11
C24 DUZ B 27 -11.90 4.47 16.99
C25 DUZ B 27 -11.08 4.47 18.25
C26 DUZ B 27 -9.75 4.04 18.23
C27 DUZ B 27 -8.95 4.05 19.38
C28 DUZ B 27 -9.50 4.45 20.58
C29 DUZ B 27 -10.82 4.87 20.62
C3' DUZ B 27 -20.48 5.47 17.31
O3' DUZ B 27 -21.90 5.37 17.58
C30 DUZ B 27 -11.62 4.90 19.47
C4' DUZ B 27 -20.15 5.28 15.82
O4' DUZ B 27 -19.19 4.24 15.76
C5' DUZ B 27 -19.50 6.47 15.16
O5' DUZ B 27 -18.65 7.03 16.14
OP1 DUZ B 27 -19.88 9.29 16.43
OP2 DUZ B 27 -17.58 8.97 17.31
N GLU C 11 -8.88 -19.70 5.81
CA GLU C 11 -8.79 -18.19 5.92
C GLU C 11 -8.91 -17.40 4.63
N PHE C 12 -9.65 -16.29 4.66
CA PHE C 12 -9.75 -15.34 3.51
C PHE C 12 -9.94 -13.91 4.01
N SER C 13 -9.69 -12.96 3.12
CA SER C 13 -9.90 -11.62 3.55
C SER C 13 -11.39 -11.30 3.74
N VAL C 14 -11.64 -10.32 4.61
CA VAL C 14 -12.93 -9.70 4.74
C VAL C 14 -13.30 -8.99 3.43
N CYS C 15 -12.29 -8.43 2.76
CA CYS C 15 -12.45 -7.83 1.46
C CYS C 15 -11.47 -8.41 0.42
N ASP C 16 -11.98 -9.12 -0.57
CA ASP C 16 -11.15 -9.74 -1.59
C ASP C 16 -10.38 -8.72 -2.45
N SER C 17 -9.05 -8.86 -2.52
CA SER C 17 -8.24 -7.98 -3.36
C SER C 17 -7.69 -8.68 -4.60
N VAL C 18 -7.25 -7.90 -5.58
CA VAL C 18 -6.56 -8.41 -6.75
C VAL C 18 -5.25 -7.68 -6.80
N SER C 19 -4.12 -8.36 -7.05
CA SER C 19 -2.84 -7.68 -7.15
C SER C 19 -2.28 -7.88 -8.51
N VAL C 20 -1.60 -6.88 -9.08
CA VAL C 20 -1.08 -7.06 -10.43
C VAL C 20 0.19 -6.23 -10.61
N TRP C 21 1.10 -6.63 -11.48
CA TRP C 21 2.21 -5.76 -11.87
C TRP C 21 1.77 -4.84 -13.01
N VAL C 22 2.08 -3.57 -12.90
CA VAL C 22 1.77 -2.61 -13.95
C VAL C 22 3.08 -2.03 -14.49
N GLY C 23 3.33 -2.15 -15.78
CA GLY C 23 4.55 -1.55 -16.33
C GLY C 23 4.29 -0.60 -17.49
N ASP C 24 3.03 -0.24 -17.69
CA ASP C 24 2.74 0.67 -18.79
C ASP C 24 2.15 2.04 -18.32
N LYS C 25 2.43 2.41 -17.06
CA LYS C 25 1.92 3.63 -16.48
C LYS C 25 2.53 4.87 -17.16
N THR C 26 1.69 5.64 -17.86
CA THR C 26 2.10 6.92 -18.42
C THR C 26 1.61 8.07 -17.55
N THR C 27 0.42 7.94 -16.95
CA THR C 27 -0.14 8.99 -16.12
C THR C 27 -0.44 8.46 -14.75
N ALA C 28 -0.35 9.34 -13.76
CA ALA C 28 -0.65 9.08 -12.35
C ALA C 28 -1.00 10.38 -11.58
N THR C 29 -1.53 10.26 -10.36
CA THR C 29 -1.73 11.40 -9.44
C THR C 29 -0.59 11.49 -8.46
N ASP C 30 0.04 12.66 -8.35
CA ASP C 30 1.18 12.71 -7.44
C ASP C 30 0.75 12.98 -6.02
N ILE C 31 1.69 12.94 -5.11
CA ILE C 31 1.31 13.07 -3.71
C ILE C 31 0.66 14.45 -3.44
N LYS C 32 0.99 15.46 -4.24
CA LYS C 32 0.34 16.79 -4.17
C LYS C 32 -1.17 16.81 -4.51
N GLY C 33 -1.66 15.77 -5.17
CA GLY C 33 -3.02 15.76 -5.73
C GLY C 33 -3.11 16.14 -7.21
N LYS C 34 -1.96 16.44 -7.81
CA LYS C 34 -1.87 16.87 -9.22
C LYS C 34 -1.54 15.71 -10.21
N GLU C 35 -2.18 15.70 -11.39
CA GLU C 35 -1.82 14.78 -12.47
C GLU C 35 -0.41 15.02 -12.96
N VAL C 36 0.30 13.92 -13.23
CA VAL C 36 1.66 13.95 -13.75
C VAL C 36 1.88 12.79 -14.72
N MET C 37 2.91 12.95 -15.54
CA MET C 37 3.27 12.01 -16.56
C MET C 37 4.41 11.20 -16.00
N VAL C 38 4.27 9.89 -16.11
CA VAL C 38 5.30 8.94 -15.68
C VAL C 38 6.15 8.42 -16.84
N LEU C 39 7.46 8.53 -16.66
CA LEU C 39 8.39 8.26 -17.72
C LEU C 39 8.44 6.77 -17.88
N GLY C 40 8.77 6.31 -19.07
CA GLY C 40 8.77 4.87 -19.30
C GLY C 40 9.83 4.14 -18.48
N GLU C 41 10.96 4.82 -18.25
CA GLU C 41 12.20 4.15 -17.80
C GLU C 41 12.95 5.08 -16.89
N VAL C 42 13.88 4.54 -16.10
CA VAL C 42 14.68 5.32 -15.17
C VAL C 42 16.09 4.70 -15.20
N ASN C 43 17.13 5.51 -14.92
CA ASN C 43 18.59 5.18 -15.14
C ASN C 43 19.49 5.07 -13.89
N ILE C 44 20.63 4.37 -14.00
CA ILE C 44 21.58 4.22 -12.86
C ILE C 44 23.11 4.39 -13.14
N SER C 47 23.05 1.67 -17.11
CA SER C 47 22.02 0.64 -16.92
C SER C 47 20.60 1.21 -16.66
N VAL C 48 19.66 0.81 -17.52
CA VAL C 48 18.31 1.34 -17.54
C VAL C 48 17.29 0.31 -17.04
N PHE C 49 16.20 0.80 -16.48
CA PHE C 49 15.19 -0.08 -15.94
C PHE C 49 13.82 0.46 -16.29
N LYS C 50 12.89 -0.41 -16.70
CA LYS C 50 11.48 0.00 -16.77
C LYS C 50 10.97 0.26 -15.35
N GLN C 51 9.95 1.10 -15.18
CA GLN C 51 9.35 1.33 -13.85
C GLN C 51 8.16 0.42 -13.74
N TYR C 52 8.16 -0.51 -12.83
CA TYR C 52 6.95 -1.32 -12.62
C TYR C 52 6.44 -1.00 -11.26
N PHE C 53 5.13 -1.11 -11.07
CA PHE C 53 4.54 -0.82 -9.76
C PHE C 53 3.68 -1.98 -9.31
N PHE C 54 3.68 -2.29 -8.01
CA PHE C 54 2.83 -3.38 -7.54
C PHE C 54 1.50 -2.81 -7.06
N GLU C 55 0.41 -3.21 -7.71
CA GLU C 55 -0.85 -2.57 -7.43
C GLU C 55 -1.81 -3.62 -7.00
N THR C 56 -2.49 -3.33 -5.89
CA THR C 56 -3.48 -4.18 -5.31
C THR C 56 -4.71 -3.35 -5.08
N LYS C 57 -5.89 -3.92 -5.30
CA LYS C 57 -7.15 -3.18 -5.19
C LYS C 57 -8.34 -4.11 -4.92
N CYS C 58 -9.54 -3.55 -4.73
CA CYS C 58 -10.73 -4.35 -4.48
C CYS C 58 -11.17 -4.96 -5.76
N ARG C 59 -11.71 -6.17 -5.77
CA ARG C 59 -12.38 -6.60 -7.01
C ARG C 59 -13.74 -5.92 -7.38
N ASP C 60 -14.74 -6.08 -6.51
CA ASP C 60 -16.18 -5.99 -6.86
C ASP C 60 -16.58 -4.83 -7.79
N SER C 66 -22.46 -5.01 -2.21
CA SER C 66 -22.71 -5.64 -0.92
C SER C 66 -21.67 -5.25 0.17
N GLY C 67 -22.00 -5.57 1.42
CA GLY C 67 -21.10 -5.33 2.53
C GLY C 67 -19.80 -6.11 2.36
N CYS C 68 -18.96 -5.99 3.38
CA CYS C 68 -17.77 -6.79 3.45
C CYS C 68 -18.22 -8.14 3.93
N ARG C 69 -17.30 -9.09 3.89
CA ARG C 69 -17.60 -10.47 4.27
C ARG C 69 -17.32 -10.70 5.78
N GLY C 70 -18.17 -11.50 6.41
CA GLY C 70 -18.04 -11.83 7.83
C GLY C 70 -18.54 -10.80 8.83
N ILE C 71 -19.18 -9.73 8.37
CA ILE C 71 -19.58 -8.59 9.22
C ILE C 71 -20.88 -8.81 9.92
N ASP C 72 -21.01 -8.23 11.10
CA ASP C 72 -22.26 -8.26 11.86
C ASP C 72 -23.29 -7.33 11.27
N SER C 73 -23.83 -7.73 10.13
CA SER C 73 -24.80 -6.98 9.31
C SER C 73 -25.94 -6.24 10.04
N LYS C 74 -26.53 -6.92 11.03
CA LYS C 74 -27.57 -6.41 11.90
C LYS C 74 -27.20 -5.05 12.47
N HIS C 75 -25.96 -4.93 12.92
CA HIS C 75 -25.48 -3.73 13.61
C HIS C 75 -24.69 -2.74 12.77
N TRP C 76 -24.10 -3.22 11.67
CA TRP C 76 -23.16 -2.39 10.93
C TRP C 76 -23.47 -2.38 9.47
N ASN C 77 -23.55 -1.18 8.90
CA ASN C 77 -23.32 -1.00 7.49
C ASN C 77 -21.81 -1.28 7.23
N SER C 78 -21.42 -1.58 6.00
CA SER C 78 -19.99 -1.79 5.75
C SER C 78 -19.73 -1.70 4.25
N TYR C 79 -18.51 -1.32 3.87
CA TYR C 79 -18.11 -1.41 2.47
C TYR C 79 -16.61 -1.63 2.34
N CYS C 80 -16.20 -2.24 1.22
CA CYS C 80 -14.79 -2.45 0.91
C CYS C 80 -14.24 -1.24 0.16
N THR C 81 -13.12 -0.70 0.57
CA THR C 81 -12.52 0.39 -0.19
C THR C 81 -11.00 0.17 -0.45
N THR C 82 -10.45 0.80 -1.48
CA THR C 82 -9.09 0.58 -1.93
C THR C 82 -8.29 1.66 -1.33
N THR C 83 -7.20 1.30 -0.66
CA THR C 83 -6.38 2.29 0.00
C THR C 83 -5.13 2.40 -0.82
N HIS C 84 -4.35 3.43 -0.54
CA HIS C 84 -3.27 3.82 -1.42
CA HIS C 84 -3.26 3.84 -1.42
C HIS C 84 -1.97 4.05 -0.63
N THR C 85 -0.85 3.89 -1.29
CA THR C 85 0.41 4.23 -0.68
C THR C 85 1.10 5.19 -1.66
N PHE C 86 2.31 5.59 -1.31
CA PHE C 86 3.05 6.55 -2.12
C PHE C 86 4.42 6.05 -2.45
N VAL C 87 4.68 5.97 -3.75
CA VAL C 87 5.90 5.38 -4.25
C VAL C 87 6.56 6.38 -5.17
N LYS C 88 7.89 6.46 -5.12
CA LYS C 88 8.62 7.43 -5.95
C LYS C 88 8.62 6.93 -7.36
N ALA C 89 8.54 7.83 -8.32
CA ALA C 89 8.64 7.45 -9.72
C ALA C 89 9.30 8.59 -10.44
N LEU C 90 9.92 8.26 -11.55
CA LEU C 90 10.53 9.26 -12.38
C LEU C 90 9.44 9.81 -13.30
N THR C 91 9.26 11.13 -13.19
CA THR C 91 8.14 11.86 -13.84
C THR C 91 8.64 13.02 -14.70
N MET C 92 7.81 13.45 -15.63
CA MET C 92 8.14 14.56 -16.53
C MET C 92 7.78 15.81 -15.77
N ASP C 93 8.74 16.72 -15.61
CA ASP C 93 8.41 18.09 -15.24
C ASP C 93 8.96 19.09 -16.24
N GLY C 94 8.12 19.44 -17.21
CA GLY C 94 8.54 20.31 -18.31
C GLY C 94 9.53 19.56 -19.16
N LYS C 95 10.79 20.00 -19.12
CA LYS C 95 11.86 19.43 -19.94
C LYS C 95 12.92 18.76 -19.05
N GLN C 96 12.59 18.60 -17.76
CA GLN C 96 13.44 17.93 -16.78
C GLN C 96 12.77 16.66 -16.16
N ALA C 97 13.58 15.75 -15.64
CA ALA C 97 13.04 14.56 -15.00
C ALA C 97 12.97 14.76 -13.49
N ALA C 98 11.84 14.40 -12.88
CA ALA C 98 11.64 14.63 -11.45
C ALA C 98 11.08 13.39 -10.70
N TRP C 99 11.65 13.15 -9.53
CA TRP C 99 11.57 11.91 -8.82
C TRP C 99 10.52 12.25 -7.79
N ARG C 100 9.24 11.91 -8.08
CA ARG C 100 8.10 12.35 -7.25
C ARG C 100 7.35 11.15 -6.66
N PHE C 101 6.75 11.31 -5.49
CA PHE C 101 5.85 10.31 -4.98
C PHE C 101 4.50 10.30 -5.72
N ILE C 102 4.08 9.10 -6.12
CA ILE C 102 2.81 8.99 -6.76
C ILE C 102 1.95 8.02 -6.00
N ARG C 103 0.67 8.12 -6.23
CA ARG C 103 -0.29 7.39 -5.47
C ARG C 103 -0.46 6.02 -6.19
N ILE C 104 -0.39 4.90 -5.45
CA ILE C 104 -0.48 3.56 -6.02
C ILE C 104 -1.54 2.80 -5.19
N ASP C 105 -2.45 2.08 -5.82
CA ASP C 105 -3.41 1.33 -5.04
C ASP C 105 -2.61 0.21 -4.33
N THR C 106 -2.90 0.00 -3.03
CA THR C 106 -2.10 -0.95 -2.28
C THR C 106 -2.88 -2.01 -1.46
N ALA C 107 -4.19 -1.80 -1.26
CA ALA C 107 -5.01 -2.77 -0.49
C ALA C 107 -6.48 -2.46 -0.53
N CYS C 108 -7.24 -3.42 -0.03
CA CYS C 108 -8.70 -3.37 0.00
C CYS C 108 -9.08 -3.59 1.47
N VAL C 109 -9.73 -2.64 2.12
CA VAL C 109 -10.01 -2.75 3.54
C VAL C 109 -11.46 -2.52 3.73
N CYS C 110 -11.95 -2.84 4.94
CA CYS C 110 -13.39 -2.75 5.19
C CYS C 110 -13.71 -1.54 6.06
N VAL C 111 -14.64 -0.71 5.62
CA VAL C 111 -14.99 0.46 6.43
C VAL C 111 -16.37 0.27 7.04
N LEU C 112 -16.49 0.60 8.31
CA LEU C 112 -17.70 0.30 9.02
C LEU C 112 -18.51 1.55 9.25
N SER C 113 -19.81 1.39 9.43
CA SER C 113 -20.58 2.45 10.09
C SER C 113 -21.91 1.96 10.71
N ARG C 114 -22.27 2.61 11.82
CA ARG C 114 -23.64 2.78 12.37
C ARG C 114 -23.71 2.30 13.82
N HIS D 4 -12.18 8.30 2.48
CA HIS D 4 -12.62 7.12 3.31
CA HIS D 4 -12.61 7.12 3.32
C HIS D 4 -11.56 6.72 4.34
N PRO D 5 -11.99 6.24 5.52
CA PRO D 5 -13.35 6.30 6.04
C PRO D 5 -13.80 7.78 6.04
N ILE D 6 -15.05 8.03 5.64
CA ILE D 6 -15.68 9.33 5.78
C ILE D 6 -16.11 9.58 7.24
N PHE D 7 -15.16 10.09 8.02
CA PHE D 7 -15.40 10.38 9.44
C PHE D 7 -16.62 11.23 9.70
N HIS D 8 -16.71 12.43 9.11
CA HIS D 8 -17.83 13.30 9.47
C HIS D 8 -19.18 12.59 9.26
N ARG D 9 -19.12 11.41 8.61
CA ARG D 9 -20.31 10.59 8.45
C ARG D 9 -20.39 9.38 9.42
N GLY D 10 -19.42 9.28 10.35
CA GLY D 10 -19.43 8.24 11.37
C GLY D 10 -18.59 6.98 11.06
N GLU D 11 -17.71 7.01 10.05
CA GLU D 11 -17.07 5.79 9.57
C GLU D 11 -15.79 5.56 10.29
N PHE D 12 -15.38 4.30 10.37
CA PHE D 12 -14.08 3.91 10.99
C PHE D 12 -13.63 2.54 10.48
N SER D 13 -12.33 2.28 10.49
CA SER D 13 -11.79 1.05 9.98
C SER D 13 -12.19 -0.16 10.82
N VAL D 14 -12.37 -1.28 10.16
CA VAL D 14 -12.49 -2.56 10.83
C VAL D 14 -11.26 -2.86 11.70
N CYS D 15 -10.10 -2.45 11.21
CA CYS D 15 -8.81 -2.57 11.86
C CYS D 15 -8.09 -1.24 11.77
N ASP D 16 -7.57 -0.76 12.87
CA ASP D 16 -6.85 0.49 12.89
C ASP D 16 -5.42 0.37 12.36
N SER D 17 -4.99 1.39 11.63
CA SER D 17 -3.61 1.41 11.15
C SER D 17 -2.87 2.66 11.61
N VAL D 18 -1.55 2.60 11.52
CA VAL D 18 -0.69 3.76 11.76
C VAL D 18 0.17 3.85 10.52
N SER D 19 0.44 5.06 10.06
CA SER D 19 1.28 5.29 8.90
C SER D 19 2.39 6.20 9.32
N VAL D 20 3.59 5.99 8.81
CA VAL D 20 4.72 6.81 9.19
C VAL D 20 5.67 6.87 8.02
N TRP D 21 6.41 7.95 7.88
CA TRP D 21 7.46 7.99 6.87
C TRP D 21 8.73 7.39 7.48
N VAL D 22 9.40 6.52 6.73
CA VAL D 22 10.56 5.85 7.24
C VAL D 22 11.82 6.29 6.49
N GLY D 23 12.62 7.12 7.16
CA GLY D 23 13.79 7.70 6.55
C GLY D 23 15.04 6.96 6.95
N ASP D 24 14.99 6.25 8.07
CA ASP D 24 16.21 5.60 8.59
C ASP D 24 16.47 4.13 8.22
N LYS D 25 15.90 3.62 7.12
CA LYS D 25 15.93 2.16 6.85
C LYS D 25 17.32 1.59 6.52
N THR D 26 17.79 0.56 7.23
CA THR D 26 19.12 0.00 6.89
C THR D 26 19.09 -1.42 6.36
N THR D 27 18.25 -2.27 6.93
CA THR D 27 18.08 -3.57 6.32
C THR D 27 16.63 -3.79 5.98
N ALA D 28 16.42 -4.73 5.06
CA ALA D 28 15.11 -5.10 4.58
C ALA D 28 15.12 -6.55 4.08
N THR D 29 13.94 -7.11 3.95
CA THR D 29 13.74 -8.34 3.24
C THR D 29 13.38 -7.93 1.83
N ASP D 30 14.02 -8.54 0.84
CA ASP D 30 13.68 -8.24 -0.54
C ASP D 30 12.61 -9.12 -1.08
N ILE D 31 12.31 -9.00 -2.37
CA ILE D 31 11.14 -9.71 -2.89
C ILE D 31 11.39 -11.23 -2.88
N LYS D 32 12.67 -11.60 -3.01
CA LYS D 32 13.20 -12.98 -3.00
C LYS D 32 13.00 -13.68 -1.66
N GLY D 33 12.86 -12.88 -0.59
CA GLY D 33 12.65 -13.34 0.77
C GLY D 33 13.95 -13.24 1.50
N LYS D 34 14.95 -12.61 0.89
CA LYS D 34 16.32 -12.57 1.46
C LYS D 34 16.58 -11.23 2.11
N GLU D 35 17.36 -11.23 3.17
CA GLU D 35 17.73 -10.03 3.85
C GLU D 35 18.73 -9.22 3.03
N VAL D 36 18.44 -7.93 2.83
CA VAL D 36 19.40 -7.03 2.16
C VAL D 36 19.70 -5.67 2.82
N MET D 37 20.89 -5.15 2.55
CA MET D 37 21.28 -3.84 3.03
C MET D 37 20.72 -2.81 2.06
N VAL D 38 20.06 -1.78 2.61
CA VAL D 38 19.48 -0.69 1.85
C VAL D 38 20.30 0.57 2.03
N LEU D 39 20.72 1.17 0.93
CA LEU D 39 21.61 2.35 0.94
C LEU D 39 20.92 3.59 1.44
N GLY D 40 21.73 4.50 1.99
CA GLY D 40 21.25 5.78 2.51
C GLY D 40 20.71 6.69 1.41
N GLU D 41 21.44 6.68 0.29
CA GLU D 41 21.16 7.51 -0.87
C GLU D 41 21.19 6.74 -2.21
N VAL D 42 20.38 7.15 -3.18
CA VAL D 42 20.44 6.64 -4.58
C VAL D 42 20.72 7.80 -5.53
N ASN D 43 21.37 7.55 -6.68
CA ASN D 43 21.45 8.60 -7.73
C ASN D 43 20.22 8.68 -8.66
N SER D 47 22.29 13.02 -10.13
CA SER D 47 21.52 13.74 -9.11
C SER D 47 21.01 12.83 -7.96
N VAL D 48 21.07 13.28 -6.70
CA VAL D 48 21.06 12.37 -5.50
C VAL D 48 20.00 12.60 -4.35
N PHE D 49 19.34 11.51 -3.94
CA PHE D 49 18.14 11.50 -3.08
C PHE D 49 18.27 10.61 -1.83
N LYS D 50 17.71 11.03 -0.71
CA LYS D 50 17.66 10.13 0.44
C LYS D 50 16.52 9.16 0.05
N GLN D 51 16.60 7.87 0.46
CA GLN D 51 15.51 6.90 0.27
C GLN D 51 14.49 6.95 1.41
N TYR D 52 13.24 7.23 1.07
CA TYR D 52 12.12 7.32 2.03
C TYR D 52 11.03 6.32 1.60
N PHE D 53 10.41 5.71 2.59
CA PHE D 53 9.37 4.70 2.39
C PHE D 53 8.17 5.04 3.26
N PHE D 54 7.01 4.92 2.67
CA PHE D 54 5.78 5.13 3.39
C PHE D 54 5.36 3.78 3.87
N GLU D 55 5.19 3.65 5.17
CA GLU D 55 4.89 2.36 5.75
C GLU D 55 3.60 2.51 6.54
N THR D 56 2.75 1.49 6.46
CA THR D 56 1.47 1.49 7.20
C THR D 56 1.29 0.15 7.88
N LYS D 57 1.11 0.15 9.19
CA LYS D 57 1.16 -1.08 10.00
C LYS D 57 -0.16 -1.19 10.74
N CYS D 58 -0.51 -2.39 11.23
CA CYS D 58 -1.58 -2.55 12.19
C CYS D 58 -1.16 -1.79 13.43
N ARG D 59 -2.12 -1.13 14.05
CA ARG D 59 -1.90 -0.28 15.22
C ARG D 59 -1.75 -0.97 16.54
N ASP D 60 -2.56 -2.00 16.78
CA ASP D 60 -2.99 -2.31 18.17
C ASP D 60 -1.85 -2.52 19.19
N SER D 66 -8.63 -10.47 21.15
CA SER D 66 -8.72 -9.26 20.33
C SER D 66 -9.84 -9.38 19.27
N GLY D 67 -9.52 -9.16 17.99
CA GLY D 67 -10.48 -9.33 16.90
C GLY D 67 -10.65 -8.06 16.07
N CYS D 68 -11.25 -8.18 14.89
CA CYS D 68 -11.54 -6.99 14.09
C CYS D 68 -12.93 -6.45 14.52
N ARG D 69 -13.10 -5.12 14.50
CA ARG D 69 -14.42 -4.53 14.80
C ARG D 69 -15.54 -5.05 13.91
N GLY D 70 -16.73 -5.15 14.48
CA GLY D 70 -17.93 -5.36 13.71
C GLY D 70 -18.10 -6.75 13.17
N ILE D 71 -17.36 -7.72 13.73
CA ILE D 71 -17.38 -9.09 13.22
C ILE D 71 -18.48 -9.94 13.86
N ASP D 72 -19.20 -10.66 13.01
CA ASP D 72 -20.15 -11.68 13.44
C ASP D 72 -19.39 -12.81 14.16
N SER D 73 -19.22 -12.68 15.46
CA SER D 73 -18.61 -13.76 16.24
C SER D 73 -19.41 -15.09 16.36
N LYS D 74 -20.65 -15.12 15.91
CA LYS D 74 -21.37 -16.39 15.95
C LYS D 74 -20.88 -17.34 14.81
N HIS D 75 -20.34 -16.78 13.75
CA HIS D 75 -19.84 -17.63 12.68
C HIS D 75 -18.29 -17.53 12.52
N TRP D 76 -17.69 -16.43 12.97
CA TRP D 76 -16.29 -16.10 12.58
C TRP D 76 -15.23 -15.77 13.64
N ASN D 77 -14.10 -16.46 13.54
CA ASN D 77 -12.84 -15.98 14.10
C ASN D 77 -12.24 -14.86 13.20
N SER D 78 -11.59 -13.87 13.82
CA SER D 78 -10.99 -12.80 13.04
C SER D 78 -9.75 -12.21 13.71
N TYR D 79 -8.79 -11.74 12.90
CA TYR D 79 -7.65 -10.97 13.42
C TYR D 79 -7.14 -9.92 12.39
N CYS D 80 -6.52 -8.84 12.89
CA CYS D 80 -5.99 -7.76 12.10
C CYS D 80 -4.56 -8.10 11.73
N THR D 81 -4.25 -8.07 10.45
CA THR D 81 -2.87 -8.25 10.12
C THR D 81 -2.27 -7.28 9.07
N THR D 82 -0.95 -7.11 9.10
CA THR D 82 -0.23 -6.23 8.25
C THR D 82 0.13 -6.85 6.92
N THR D 83 -0.30 -6.22 5.82
CA THR D 83 0.03 -6.73 4.51
C THR D 83 1.19 -5.90 3.97
N HIS D 84 1.74 -6.28 2.83
CA HIS D 84 3.00 -5.74 2.36
CA HIS D 84 2.97 -5.67 2.33
C HIS D 84 2.92 -5.43 0.85
N THR D 85 3.54 -4.32 0.42
CA THR D 85 3.72 -4.10 -0.99
C THR D 85 5.23 -4.23 -1.28
N PHE D 86 5.60 -3.97 -2.53
CA PHE D 86 6.95 -4.11 -2.95
C PHE D 86 7.39 -2.83 -3.64
N VAL D 87 8.46 -2.25 -3.12
CA VAL D 87 8.93 -0.97 -3.60
C VAL D 87 10.39 -1.07 -3.96
N LYS D 88 10.82 -0.50 -5.10
CA LYS D 88 12.25 -0.54 -5.50
C LYS D 88 13.04 0.25 -4.50
N ALA D 89 14.30 -0.11 -4.33
CA ALA D 89 15.21 0.55 -3.46
C ALA D 89 16.59 0.19 -3.95
N LEU D 90 17.55 1.07 -3.74
CA LEU D 90 18.92 0.70 -4.07
C LEU D 90 19.41 -0.02 -2.85
N THR D 91 20.02 -1.19 -3.09
CA THR D 91 20.36 -2.16 -2.04
C THR D 91 21.73 -2.79 -2.37
N MET D 92 22.42 -3.36 -1.39
CA MET D 92 23.80 -3.89 -1.63
C MET D 92 23.97 -5.41 -1.40
N ALA D 97 25.88 -3.37 -5.52
CA ALA D 97 24.77 -2.43 -5.55
C ALA D 97 23.73 -2.90 -6.54
N ALA D 98 22.48 -3.05 -6.08
CA ALA D 98 21.40 -3.38 -6.99
C ALA D 98 20.10 -2.66 -6.65
N TRP D 99 19.32 -2.44 -7.71
CA TRP D 99 18.00 -1.79 -7.70
C TRP D 99 16.96 -2.91 -7.52
N ARG D 100 16.44 -3.11 -6.31
CA ARG D 100 15.63 -4.32 -6.04
C ARG D 100 14.33 -3.97 -5.37
N PHE D 101 13.33 -4.82 -5.53
CA PHE D 101 12.07 -4.73 -4.81
C PHE D 101 12.23 -5.22 -3.34
N ILE D 102 11.74 -4.41 -2.39
CA ILE D 102 11.75 -4.78 -0.97
C ILE D 102 10.35 -4.73 -0.36
N ARG D 103 10.14 -5.43 0.78
CA ARG D 103 8.81 -5.61 1.34
C ARG D 103 8.60 -4.41 2.22
N ILE D 104 7.54 -3.64 1.95
CA ILE D 104 7.20 -2.55 2.82
C ILE D 104 5.81 -2.78 3.40
N ASP D 105 5.63 -2.68 4.72
CA ASP D 105 4.29 -2.83 5.24
C ASP D 105 3.36 -1.76 4.71
N THR D 106 2.10 -2.11 4.43
CA THR D 106 1.32 -1.19 3.63
C THR D 106 -0.14 -0.98 4.01
N ALA D 107 -0.69 -1.91 4.79
CA ALA D 107 -2.06 -1.83 5.26
C ALA D 107 -2.20 -2.75 6.38
N CYS D 108 -3.36 -2.60 7.00
CA CYS D 108 -3.87 -3.42 8.08
C CYS D 108 -5.23 -3.93 7.61
N VAL D 109 -5.29 -5.21 7.28
CA VAL D 109 -6.50 -5.83 6.81
C VAL D 109 -7.02 -6.88 7.77
N CYS D 110 -8.29 -7.28 7.59
CA CYS D 110 -8.93 -8.22 8.50
C CYS D 110 -9.06 -9.54 7.78
N VAL D 111 -8.66 -10.61 8.45
CA VAL D 111 -8.64 -12.00 7.90
C VAL D 111 -9.57 -12.87 8.73
N LEU D 112 -10.35 -13.74 8.08
CA LEU D 112 -11.41 -14.55 8.77
C LEU D 112 -11.21 -16.04 8.69
N SER D 113 -11.84 -16.80 9.63
CA SER D 113 -12.04 -18.28 9.53
C SER D 113 -13.24 -18.88 10.29
N ARG D 114 -13.10 -20.16 10.68
CA ARG D 114 -14.13 -21.06 11.29
C ARG D 114 -15.43 -21.07 10.53
N1 EPE E . 16.79 -23.27 0.60
C2 EPE E . 15.48 -22.92 0.00
C3 EPE E . 15.50 -23.30 -1.49
N4 EPE E . 16.60 -22.54 -2.17
C5 EPE E . 17.97 -22.69 -1.56
C6 EPE E . 17.90 -22.50 -0.04
C7 EPE E . 16.59 -22.81 -3.62
C8 EPE E . 15.48 -21.98 -4.30
O8 EPE E . 14.77 -22.78 -5.27
C9 EPE E . 16.78 -23.12 2.07
C10 EPE E . 15.96 -24.18 2.86
S EPE E . 16.15 -24.17 4.57
O1S EPE E . 16.62 -22.75 4.45
O2S EPE E . 14.69 -24.52 4.69
O3S EPE E . 17.20 -25.23 4.52
#